data_5UUY
#
_entry.id   5UUY
#
_cell.length_a   64.660
_cell.length_b   85.980
_cell.length_c   93.250
_cell.angle_alpha   90.000
_cell.angle_beta   90.000
_cell.angle_gamma   90.000
#
_symmetry.space_group_name_H-M   'I 2 2 2'
#
loop_
_entity.id
_entity.type
_entity.pdbx_description
1 polymer 'Dioclea lasiocarpa lectin (DLL)'
2 non-polymer 'MANGANESE (II) ION'
3 non-polymer 'CALCIUM ION'
4 non-polymer '5-bromo-4-chloro-1H-indol-3-yl alpha-D-mannopyranoside'
5 water water
#
_entity_poly.entity_id   1
_entity_poly.type   'polypeptide(L)'
_entity_poly.pdbx_seq_one_letter_code
;ADTIVAVELDSYPNTDIGDPSYPHIGIDIKSIRSKATARWNMQTGKVGTAHISYNSVAKRLSAVVSYSGTSSTTVSYDVD
LNNVLPEWVRVGLSATTGLYKETNTILSWSFTSKLKTNSIADANSLHFSFNQFSQNPKDLILQGDATTDSDGNLQLTRVS
SDGSPQGSSVGRALFYAPVHIWEKSAVVASFDATFTFLIKSPDRDPADGITFFIANTDTSIPSGSGGRLLGLFPDAN
;
_entity_poly.pdbx_strand_id   A
#
loop_
_chem_comp.id
_chem_comp.type
_chem_comp.name
_chem_comp.formula
CA non-polymer 'CALCIUM ION' 'Ca 2'
MN non-polymer 'MANGANESE (II) ION' 'Mn 2'
XMM D-saccharide '5-bromo-4-chloro-1H-indol-3-yl alpha-D-mannopyranoside' 'C14 H15 Br Cl N O6'
#
# COMPACT_ATOMS: atom_id res chain seq x y z
N ALA A 1 2.38 -10.52 -16.57
CA ALA A 1 2.52 -10.24 -15.13
C ALA A 1 1.23 -9.67 -14.50
N ASP A 2 1.31 -9.27 -13.24
CA ASP A 2 0.18 -8.70 -12.54
C ASP A 2 -0.17 -7.33 -13.10
N THR A 3 -1.44 -6.94 -12.95
CA THR A 3 -1.89 -5.59 -13.21
C THR A 3 -2.04 -4.88 -11.87
N ILE A 4 -1.44 -3.69 -11.73
CA ILE A 4 -1.23 -3.06 -10.43
C ILE A 4 -1.67 -1.61 -10.45
N VAL A 5 -2.46 -1.22 -9.45
CA VAL A 5 -2.74 0.17 -9.12
C VAL A 5 -2.37 0.34 -7.66
N ALA A 6 -1.58 1.37 -7.34
CA ALA A 6 -1.13 1.47 -5.95
C ALA A 6 -0.96 2.93 -5.54
N VAL A 7 -1.09 3.15 -4.24
CA VAL A 7 -0.67 4.37 -3.58
C VAL A 7 0.53 3.98 -2.73
N GLU A 8 1.69 4.59 -3.03
CA GLU A 8 2.94 4.26 -2.37
C GLU A 8 3.29 5.35 -1.37
N LEU A 9 3.70 4.92 -0.19
CA LEU A 9 4.28 5.81 0.81
C LEU A 9 5.78 5.50 0.76
N ASP A 10 6.51 6.28 -0.04
CA ASP A 10 7.87 5.94 -0.43
C ASP A 10 8.87 6.71 0.44
N SER A 11 9.42 6.03 1.44
CA SER A 11 10.33 6.73 2.35
C SER A 11 11.75 6.90 1.80
N TYR A 12 12.12 6.21 0.71
CA TYR A 12 13.50 6.31 0.21
C TYR A 12 13.54 6.81 -1.23
N PRO A 13 14.32 7.88 -1.52
CA PRO A 13 14.39 8.40 -2.89
C PRO A 13 15.36 7.61 -3.75
N ASN A 14 14.82 6.88 -4.71
CA ASN A 14 15.61 6.17 -5.73
C ASN A 14 15.57 7.00 -7.02
N THR A 15 16.38 8.05 -7.04
CA THR A 15 16.29 9.01 -8.14
C THR A 15 16.57 8.34 -9.48
N ASP A 16 17.32 7.22 -9.49
CA ASP A 16 17.67 6.54 -10.73
C ASP A 16 16.54 5.73 -11.35
N ILE A 17 15.40 5.54 -10.66
CA ILE A 17 14.23 4.97 -11.32
C ILE A 17 13.03 5.88 -11.22
N GLY A 18 13.25 7.19 -11.07
CA GLY A 18 12.20 8.18 -11.26
C GLY A 18 11.71 8.86 -10.01
N ASP A 19 12.14 8.44 -8.82
CA ASP A 19 11.73 9.09 -7.59
C ASP A 19 12.17 10.54 -7.58
N PRO A 20 11.38 11.44 -7.00
CA PRO A 20 11.91 12.74 -6.61
C PRO A 20 12.94 12.57 -5.51
N SER A 21 13.74 13.61 -5.30
CA SER A 21 14.89 13.52 -4.39
C SER A 21 14.52 13.69 -2.93
N TYR A 22 13.39 13.13 -2.52
CA TYR A 22 12.90 13.30 -1.16
C TYR A 22 11.84 12.22 -0.90
N PRO A 23 11.58 11.90 0.36
CA PRO A 23 10.41 11.06 0.68
C PRO A 23 9.15 11.65 0.06
N HIS A 24 8.28 10.77 -0.45
CA HIS A 24 7.12 11.21 -1.23
C HIS A 24 6.00 10.18 -1.12
N ILE A 25 4.77 10.65 -1.33
CA ILE A 25 3.66 9.74 -1.60
C ILE A 25 3.41 9.83 -3.08
N GLY A 26 2.98 8.72 -3.67
CA GLY A 26 2.84 8.63 -5.10
C GLY A 26 1.65 7.77 -5.50
N ILE A 27 1.13 8.05 -6.69
CA ILE A 27 0.06 7.26 -7.29
C ILE A 27 0.69 6.50 -8.45
N ASP A 28 0.60 5.17 -8.39
CA ASP A 28 1.25 4.27 -9.34
C ASP A 28 0.19 3.56 -10.17
N ILE A 29 0.27 3.73 -11.49
CA ILE A 29 -0.63 3.06 -12.43
C ILE A 29 0.24 2.16 -13.30
N LYS A 30 0.33 0.89 -12.94
CA LYS A 30 1.02 -0.16 -13.71
C LYS A 30 2.52 0.09 -13.85
N SER A 31 3.10 1.02 -13.08
CA SER A 31 4.53 1.24 -13.10
C SER A 31 4.96 1.80 -11.76
N ILE A 32 6.14 1.38 -11.29
CA ILE A 32 6.68 1.98 -10.09
C ILE A 32 6.96 3.45 -10.31
N ARG A 33 7.07 3.89 -11.56
CA ARG A 33 7.33 5.30 -11.86
C ARG A 33 6.02 6.06 -11.73
N SER A 34 5.83 6.68 -10.56
CA SER A 34 4.54 7.26 -10.20
C SER A 34 4.05 8.25 -11.25
N LYS A 35 2.75 8.20 -11.55
CA LYS A 35 2.16 9.22 -12.41
C LYS A 35 2.01 10.55 -11.69
N ALA A 36 2.06 10.55 -10.36
CA ALA A 36 1.92 11.78 -9.59
C ALA A 36 2.53 11.55 -8.22
N THR A 37 3.26 12.56 -7.71
CA THR A 37 3.84 12.49 -6.38
C THR A 37 3.63 13.81 -5.64
N ALA A 38 3.84 13.73 -4.32
CA ALA A 38 3.84 14.91 -3.47
C ALA A 38 4.89 14.66 -2.39
N ARG A 39 5.54 15.74 -1.94
CA ARG A 39 6.59 15.60 -0.95
C ARG A 39 6.01 15.14 0.38
N TRP A 40 6.66 14.14 0.99
CA TRP A 40 6.18 13.50 2.22
C TRP A 40 7.15 13.85 3.35
N ASN A 41 6.67 14.61 4.33
CA ASN A 41 7.46 14.92 5.52
C ASN A 41 7.45 13.70 6.46
N MET A 42 8.15 12.67 6.02
CA MET A 42 8.09 11.37 6.70
C MET A 42 8.68 11.48 8.12
N GLN A 43 7.93 10.99 9.09
CA GLN A 43 8.27 11.06 10.51
C GLN A 43 8.60 9.67 11.02
N THR A 44 9.83 9.46 11.46
CA THR A 44 10.15 8.17 12.05
C THR A 44 9.58 8.11 13.47
N GLY A 45 9.06 6.94 13.83
CA GLY A 45 8.64 6.72 15.19
C GLY A 45 7.29 7.30 15.58
N LYS A 46 6.55 7.91 14.66
CA LYS A 46 5.22 8.40 14.94
C LYS A 46 4.21 7.68 14.06
N VAL A 47 3.01 7.46 14.61
CA VAL A 47 1.96 6.75 13.89
C VAL A 47 1.38 7.64 12.80
N GLY A 48 1.34 7.13 11.57
CA GLY A 48 0.72 7.86 10.48
C GLY A 48 -0.61 7.26 10.02
N THR A 49 -1.38 8.05 9.26
CA THR A 49 -2.67 7.62 8.73
C THR A 49 -2.74 7.99 7.25
N ALA A 50 -3.21 7.06 6.43
CA ALA A 50 -3.40 7.24 5.00
C ALA A 50 -4.86 7.00 4.68
N HIS A 51 -5.44 7.86 3.84
CA HIS A 51 -6.80 7.72 3.34
C HIS A 51 -6.75 7.75 1.82
N ILE A 52 -7.41 6.79 1.18
CA ILE A 52 -7.40 6.69 -0.29
C ILE A 52 -8.85 6.58 -0.73
N SER A 53 -9.19 7.23 -1.84
CA SER A 53 -10.55 7.17 -2.34
C SER A 53 -10.58 7.36 -3.85
N TYR A 54 -11.65 6.87 -4.45
CA TYR A 54 -11.86 6.92 -5.88
C TYR A 54 -13.34 6.67 -6.15
N ASN A 55 -13.89 7.34 -7.16
CA ASN A 55 -15.17 6.89 -7.70
C ASN A 55 -15.15 7.07 -9.21
N SER A 56 -15.93 6.24 -9.87
CA SER A 56 -15.90 6.14 -11.33
C SER A 56 -16.60 7.30 -12.02
N VAL A 57 -17.21 8.22 -11.28
CA VAL A 57 -17.81 9.40 -11.87
C VAL A 57 -16.81 10.53 -11.93
N ALA A 58 -16.20 10.85 -10.79
CA ALA A 58 -15.16 11.87 -10.76
C ALA A 58 -13.87 11.39 -11.40
N LYS A 59 -13.60 10.08 -11.34
CA LYS A 59 -12.42 9.45 -11.97
C LYS A 59 -11.13 10.08 -11.46
N ARG A 60 -11.06 10.36 -10.17
CA ARG A 60 -9.88 10.98 -9.60
C ARG A 60 -9.45 10.16 -8.38
N LEU A 61 -8.34 9.45 -8.50
CA LEU A 61 -7.81 8.70 -7.39
C LEU A 61 -7.03 9.66 -6.49
N SER A 62 -7.35 9.67 -5.20
CA SER A 62 -6.73 10.59 -4.27
C SER A 62 -6.20 9.87 -3.04
N ALA A 63 -5.20 10.49 -2.41
CA ALA A 63 -4.65 9.95 -1.18
C ALA A 63 -4.14 11.08 -0.33
N VAL A 64 -4.32 10.94 0.99
CA VAL A 64 -3.79 11.89 1.96
C VAL A 64 -3.12 11.08 3.04
N VAL A 65 -1.92 11.51 3.44
CA VAL A 65 -1.13 10.85 4.47
C VAL A 65 -0.76 11.89 5.51
N SER A 66 -1.03 11.58 6.79
CA SER A 66 -0.99 12.56 7.86
C SER A 66 -0.38 11.98 9.13
N TYR A 67 0.27 12.86 9.88
CA TYR A 67 0.63 12.66 11.28
C TYR A 67 -0.09 13.73 12.09
N SER A 68 -0.79 13.30 13.13
CA SER A 68 -1.59 14.21 13.94
C SER A 68 -0.74 15.38 14.46
N GLY A 69 -1.22 16.60 14.19
CA GLY A 69 -0.56 17.80 14.65
C GLY A 69 0.71 18.17 13.92
N THR A 70 1.21 17.30 13.05
CA THR A 70 2.51 17.50 12.42
C THR A 70 2.35 17.90 10.95
N SER A 71 1.89 16.99 10.10
CA SER A 71 1.91 17.25 8.67
C SER A 71 0.80 16.48 7.98
N SER A 72 0.52 16.89 6.74
CA SER A 72 -0.43 16.19 5.89
C SER A 72 0.01 16.40 4.47
N THR A 73 0.08 15.33 3.69
CA THR A 73 0.42 15.46 2.29
C THR A 73 -0.65 14.75 1.47
N THR A 74 -0.99 15.37 0.34
CA THR A 74 -2.08 14.97 -0.54
C THR A 74 -1.55 14.76 -1.94
N VAL A 75 -2.00 13.71 -2.62
CA VAL A 75 -1.72 13.54 -4.05
C VAL A 75 -2.96 13.01 -4.73
N SER A 76 -3.23 13.49 -5.94
CA SER A 76 -4.36 13.05 -6.75
C SER A 76 -3.88 12.79 -8.16
N TYR A 77 -4.64 11.97 -8.89
CA TYR A 77 -4.37 11.67 -10.28
C TYR A 77 -5.67 11.30 -10.97
N ASP A 78 -5.95 11.95 -12.10
CA ASP A 78 -7.14 11.67 -12.89
C ASP A 78 -6.91 10.45 -13.79
N VAL A 79 -7.70 9.41 -13.57
CA VAL A 79 -7.51 8.13 -14.25
C VAL A 79 -8.84 7.38 -14.22
N ASP A 80 -9.24 6.80 -15.35
CA ASP A 80 -10.39 5.89 -15.39
C ASP A 80 -9.88 4.49 -15.01
N LEU A 81 -10.12 4.09 -13.77
CA LEU A 81 -9.54 2.84 -13.27
C LEU A 81 -10.21 1.61 -13.88
N ASN A 82 -11.46 1.75 -14.28
CA ASN A 82 -12.18 0.69 -14.97
C ASN A 82 -11.55 0.37 -16.32
N ASN A 83 -10.61 1.21 -16.76
CA ASN A 83 -9.84 1.04 -17.98
C ASN A 83 -8.49 0.39 -17.72
N VAL A 84 -8.11 0.26 -16.46
CA VAL A 84 -6.80 -0.26 -16.06
C VAL A 84 -6.93 -1.64 -15.43
N LEU A 85 -7.80 -1.77 -14.46
CA LEU A 85 -8.03 -2.91 -13.59
C LEU A 85 -9.03 -3.89 -14.20
N PRO A 86 -8.84 -5.17 -13.96
CA PRO A 86 -9.88 -6.15 -14.29
C PRO A 86 -11.07 -5.97 -13.34
N GLU A 87 -12.18 -6.59 -13.75
CA GLU A 87 -13.45 -6.47 -13.06
C GLU A 87 -13.39 -7.04 -11.65
N TRP A 88 -12.67 -8.13 -11.45
CA TRP A 88 -12.44 -8.73 -10.14
C TRP A 88 -10.99 -8.47 -9.74
N VAL A 89 -10.79 -8.08 -8.49
CA VAL A 89 -9.48 -7.71 -7.96
C VAL A 89 -9.34 -8.31 -6.56
N ARG A 90 -8.13 -8.24 -6.02
CA ARG A 90 -7.88 -8.31 -4.60
C ARG A 90 -7.19 -7.03 -4.20
N VAL A 91 -7.39 -6.63 -2.95
CA VAL A 91 -6.77 -5.42 -2.43
C VAL A 91 -5.80 -5.82 -1.33
N GLY A 92 -4.77 -5.02 -1.14
CA GLY A 92 -3.76 -5.45 -0.19
C GLY A 92 -2.88 -4.31 0.25
N LEU A 93 -1.91 -4.67 1.07
CA LEU A 93 -0.87 -3.80 1.56
C LEU A 93 0.45 -4.50 1.28
N SER A 94 1.46 -3.73 0.87
CA SER A 94 2.79 -4.29 0.65
C SER A 94 3.83 -3.42 1.34
N ALA A 95 4.98 -4.01 1.61
CA ALA A 95 6.09 -3.22 2.14
C ALA A 95 7.41 -3.94 1.86
N THR A 96 8.48 -3.16 1.74
CA THR A 96 9.81 -3.71 1.52
C THR A 96 10.81 -3.00 2.41
N THR A 97 11.92 -3.68 2.65
CA THR A 97 13.17 -3.04 2.99
C THR A 97 14.19 -3.43 1.92
N GLY A 98 15.39 -2.88 1.98
CA GLY A 98 16.44 -3.19 1.02
C GLY A 98 17.79 -3.11 1.68
N LEU A 99 18.69 -2.36 1.12
CA LEU A 99 19.94 -2.11 1.81
C LEU A 99 19.59 -1.43 3.13
N TYR A 100 18.80 -0.39 3.06
CA TYR A 100 18.30 0.31 4.21
C TYR A 100 16.93 -0.31 4.63
N LYS A 101 16.55 -0.08 5.87
CA LYS A 101 15.40 -0.71 6.50
C LYS A 101 14.56 0.17 7.42
N GLU A 102 13.42 -0.38 7.81
CA GLU A 102 12.44 0.21 8.64
C GLU A 102 11.39 -0.80 9.05
N THR A 103 10.75 -0.58 10.16
CA THR A 103 9.55 -1.37 10.43
C THR A 103 8.46 -0.86 9.52
N ASN A 104 7.63 -1.78 9.03
CA ASN A 104 6.45 -1.41 8.25
C ASN A 104 5.26 -2.04 8.96
N THR A 105 4.90 -1.45 10.10
CA THR A 105 3.92 -1.99 11.02
C THR A 105 2.55 -1.39 10.71
N ILE A 106 1.59 -2.27 10.40
CA ILE A 106 0.21 -1.86 10.15
C ILE A 106 -0.56 -2.02 11.45
N LEU A 107 -1.08 -0.91 11.99
CA LEU A 107 -1.90 -0.94 13.20
C LEU A 107 -3.39 -1.12 12.90
N SER A 108 -3.87 -0.71 11.74
CA SER A 108 -5.27 -0.84 11.39
C SER A 108 -5.40 -0.73 9.88
N TRP A 109 -6.52 -1.25 9.35
CA TRP A 109 -6.73 -1.23 7.91
C TRP A 109 -8.22 -1.41 7.65
N SER A 110 -8.80 -0.50 6.86
CA SER A 110 -10.18 -0.68 6.47
C SER A 110 -10.32 -0.35 5.00
N PHE A 111 -11.46 -0.77 4.42
CA PHE A 111 -11.69 -0.73 2.99
C PHE A 111 -13.20 -0.88 2.75
N THR A 112 -13.73 -0.06 1.85
CA THR A 112 -15.11 -0.15 1.40
C THR A 112 -15.11 -0.08 -0.12
N SER A 113 -15.91 -0.93 -0.77
CA SER A 113 -16.15 -0.82 -2.20
C SER A 113 -17.65 -0.89 -2.45
N LYS A 114 -18.13 -0.10 -3.40
CA LYS A 114 -19.55 -0.07 -3.69
C LYS A 114 -19.74 -0.13 -5.20
N LEU A 115 -20.71 -0.93 -5.62
CA LEU A 115 -21.04 -1.13 -7.03
C LEU A 115 -22.52 -0.80 -7.13
N LYS A 116 -22.83 0.41 -7.59
CA LYS A 116 -24.18 0.98 -7.47
C LYS A 116 -24.95 0.83 -8.76
N THR A 117 -26.29 0.89 -8.65
CA THR A 117 -27.20 1.04 -9.79
C THR A 117 -28.38 1.94 -9.41
N ASN A 124 -23.63 -4.10 -5.15
CA ASN A 124 -22.66 -4.78 -4.35
C ASN A 124 -22.04 -3.80 -3.36
N SER A 125 -21.80 -4.29 -2.16
CA SER A 125 -21.05 -3.56 -1.17
C SER A 125 -20.09 -4.53 -0.50
N LEU A 126 -18.88 -4.07 -0.18
CA LEU A 126 -17.98 -4.85 0.64
C LEU A 126 -17.25 -3.86 1.54
N HIS A 127 -17.24 -4.14 2.85
CA HIS A 127 -16.46 -3.34 3.79
C HIS A 127 -15.77 -4.29 4.76
N PHE A 128 -14.49 -4.05 5.00
CA PHE A 128 -13.84 -4.70 6.12
C PHE A 128 -13.05 -3.67 6.91
N SER A 129 -12.94 -3.94 8.20
CA SER A 129 -12.19 -3.07 9.11
C SER A 129 -11.42 -3.94 10.07
N PHE A 130 -10.12 -3.68 10.21
CA PHE A 130 -9.28 -4.35 11.19
C PHE A 130 -8.67 -3.29 12.09
N ASN A 131 -9.01 -3.33 13.36
CA ASN A 131 -8.36 -2.51 14.36
C ASN A 131 -7.40 -3.31 15.20
N GLN A 132 -7.42 -4.64 15.07
CA GLN A 132 -6.44 -5.55 15.63
C GLN A 132 -6.32 -6.71 14.65
N PHE A 133 -5.12 -7.26 14.55
CA PHE A 133 -4.88 -8.41 13.69
C PHE A 133 -4.61 -9.63 14.56
N SER A 134 -5.33 -10.71 14.31
CA SER A 134 -5.15 -11.91 15.12
C SER A 134 -3.90 -12.67 14.68
N GLN A 135 -3.43 -13.54 15.59
CA GLN A 135 -2.19 -14.28 15.37
C GLN A 135 -2.22 -15.15 14.11
N ASN A 136 -3.40 -15.62 13.69
CA ASN A 136 -3.53 -16.37 12.45
C ASN A 136 -4.72 -15.83 11.67
N PRO A 137 -4.54 -14.75 10.92
CA PRO A 137 -5.69 -14.09 10.30
C PRO A 137 -6.21 -14.88 9.12
N LYS A 138 -7.31 -15.62 9.32
CA LYS A 138 -7.79 -16.47 8.25
C LYS A 138 -8.48 -15.70 7.13
N ASP A 139 -8.76 -14.41 7.31
CA ASP A 139 -9.35 -13.59 6.26
C ASP A 139 -8.33 -12.76 5.50
N LEU A 140 -7.05 -13.09 5.64
CA LEU A 140 -5.95 -12.39 4.99
C LEU A 140 -5.06 -13.39 4.28
N ILE A 141 -4.57 -13.04 3.11
CA ILE A 141 -3.54 -13.83 2.43
C ILE A 141 -2.20 -13.16 2.72
N LEU A 142 -1.40 -13.78 3.59
CA LEU A 142 -0.10 -13.22 3.93
C LEU A 142 0.95 -13.74 2.96
N GLN A 143 1.70 -12.83 2.35
CA GLN A 143 2.70 -13.20 1.36
C GLN A 143 4.07 -12.71 1.77
N GLY A 144 5.11 -13.43 1.34
CA GLY A 144 6.46 -13.07 1.73
C GLY A 144 6.65 -13.18 3.22
N ASP A 145 7.22 -12.13 3.82
CA ASP A 145 7.58 -12.09 5.23
C ASP A 145 6.47 -11.57 6.13
N ALA A 146 5.31 -11.20 5.60
CA ALA A 146 4.28 -10.59 6.43
C ALA A 146 3.85 -11.54 7.55
N THR A 147 3.75 -11.00 8.76
CA THR A 147 3.25 -11.74 9.92
C THR A 147 2.40 -10.82 10.77
N THR A 148 1.61 -11.41 11.66
CA THR A 148 1.03 -10.66 12.75
C THR A 148 1.73 -11.07 14.04
N ASP A 149 1.89 -10.09 14.95
CA ASP A 149 2.71 -10.28 16.13
C ASP A 149 1.87 -10.26 17.40
N SER A 150 2.55 -10.19 18.55
CA SER A 150 1.89 -10.36 19.83
C SER A 150 1.04 -9.17 20.23
N ASP A 151 1.40 -7.96 19.80
CA ASP A 151 0.56 -6.81 20.08
C ASP A 151 -0.65 -6.72 19.15
N GLY A 152 -0.85 -7.69 18.26
CA GLY A 152 -1.99 -7.62 17.35
C GLY A 152 -1.77 -6.75 16.14
N ASN A 153 -0.52 -6.47 15.79
CA ASN A 153 -0.19 -5.62 14.66
C ASN A 153 0.26 -6.49 13.49
N LEU A 154 0.25 -5.89 12.31
CA LEU A 154 0.64 -6.58 11.10
C LEU A 154 2.03 -6.06 10.72
N GLN A 155 3.01 -6.95 10.77
CA GLN A 155 4.38 -6.63 10.41
C GLN A 155 4.59 -7.09 8.98
N LEU A 156 4.52 -6.14 8.04
CA LEU A 156 4.65 -6.51 6.64
C LEU A 156 6.06 -6.98 6.29
N THR A 157 7.09 -6.44 6.94
CA THR A 157 8.47 -6.83 6.69
C THR A 157 9.11 -7.38 7.96
N ARG A 158 10.22 -8.08 7.79
CA ARG A 158 10.80 -8.84 8.89
C ARG A 158 11.30 -7.95 10.03
N VAL A 159 10.90 -8.31 11.25
CA VAL A 159 11.34 -7.65 12.46
C VAL A 159 11.91 -8.73 13.38
N SER A 160 13.06 -8.43 14.00
CA SER A 160 13.68 -9.41 14.89
C SER A 160 12.92 -9.48 16.22
N SER A 161 13.36 -10.42 17.06
CA SER A 161 12.70 -10.68 18.33
C SER A 161 12.55 -9.42 19.18
N ASP A 162 13.54 -8.53 19.15
CA ASP A 162 13.49 -7.34 20.01
C ASP A 162 12.78 -6.17 19.36
N GLY A 163 12.42 -6.27 18.08
CA GLY A 163 11.76 -5.17 17.39
C GLY A 163 12.59 -4.52 16.30
N SER A 164 13.79 -5.01 16.05
CA SER A 164 14.67 -4.38 15.08
C SER A 164 14.25 -4.76 13.66
N PRO A 165 14.04 -3.78 12.79
CA PRO A 165 13.74 -4.09 11.40
C PRO A 165 14.95 -4.66 10.67
N GLN A 166 14.69 -5.59 9.75
CA GLN A 166 15.72 -6.23 8.95
C GLN A 166 15.63 -5.76 7.50
N GLY A 167 16.78 -5.70 6.84
CA GLY A 167 16.83 -5.36 5.44
C GLY A 167 16.46 -6.54 4.56
N SER A 168 16.42 -6.29 3.25
CA SER A 168 16.15 -7.32 2.24
C SER A 168 14.88 -8.12 2.56
N SER A 169 13.86 -7.42 3.08
CA SER A 169 12.57 -8.01 3.39
C SER A 169 11.51 -7.56 2.39
N VAL A 170 10.57 -8.47 2.09
CA VAL A 170 9.38 -8.15 1.31
C VAL A 170 8.19 -8.92 1.90
N GLY A 171 7.05 -8.25 2.03
CA GLY A 171 5.85 -8.87 2.57
C GLY A 171 4.60 -8.15 2.15
N ARG A 172 3.52 -8.90 2.00
CA ARG A 172 2.23 -8.33 1.61
C ARG A 172 1.10 -9.03 2.35
N ALA A 173 -0.01 -8.32 2.50
CA ALA A 173 -1.24 -8.88 3.04
C ALA A 173 -2.38 -8.45 2.14
N LEU A 174 -3.10 -9.43 1.56
CA LEU A 174 -4.29 -9.20 0.76
C LEU A 174 -5.54 -9.65 1.51
N PHE A 175 -6.67 -8.99 1.25
CA PHE A 175 -7.92 -9.46 1.84
C PHE A 175 -8.34 -10.74 1.14
N TYR A 176 -8.95 -11.66 1.87
CA TYR A 176 -9.12 -13.01 1.32
C TYR A 176 -10.07 -13.00 0.12
N ALA A 177 -11.13 -12.22 0.19
CA ALA A 177 -12.20 -12.30 -0.79
C ALA A 177 -11.90 -11.39 -1.98
N PRO A 178 -11.99 -11.90 -3.21
CA PRO A 178 -11.96 -11.00 -4.36
C PRO A 178 -13.00 -9.91 -4.21
N VAL A 179 -12.71 -8.75 -4.80
CA VAL A 179 -13.59 -7.59 -4.77
C VAL A 179 -14.05 -7.31 -6.18
N HIS A 180 -15.34 -7.01 -6.33
CA HIS A 180 -15.95 -6.73 -7.63
C HIS A 180 -15.95 -5.20 -7.78
N ILE A 181 -14.91 -4.67 -8.44
CA ILE A 181 -14.72 -3.22 -8.44
C ILE A 181 -15.31 -2.53 -9.66
N TRP A 182 -15.78 -3.28 -10.65
CA TRP A 182 -16.52 -2.70 -11.76
C TRP A 182 -17.36 -3.79 -12.37
N GLU A 183 -18.41 -3.37 -13.06
CA GLU A 183 -19.32 -4.27 -13.72
C GLU A 183 -20.10 -3.44 -14.73
N LYS A 184 -20.30 -3.99 -15.92
CA LYS A 184 -20.72 -3.16 -17.05
C LYS A 184 -22.09 -2.55 -16.85
N SER A 185 -22.92 -3.12 -15.98
CA SER A 185 -24.23 -2.57 -15.67
C SER A 185 -24.22 -1.59 -14.51
N ALA A 186 -23.06 -1.36 -13.89
CA ALA A 186 -23.02 -0.46 -12.75
C ALA A 186 -23.19 0.99 -13.18
N VAL A 187 -23.92 1.76 -12.36
CA VAL A 187 -24.01 3.20 -12.56
C VAL A 187 -22.73 3.88 -12.10
N VAL A 188 -22.20 3.46 -10.96
CA VAL A 188 -20.97 4.03 -10.41
C VAL A 188 -20.31 3.00 -9.52
N ALA A 189 -18.97 2.94 -9.59
CA ALA A 189 -18.15 2.09 -8.75
C ALA A 189 -17.27 2.99 -7.87
N SER A 190 -17.14 2.65 -6.59
CA SER A 190 -16.35 3.50 -5.71
C SER A 190 -15.61 2.64 -4.70
N PHE A 191 -14.47 3.13 -4.23
CA PHE A 191 -13.80 2.49 -3.10
C PHE A 191 -13.13 3.54 -2.23
N ASP A 192 -12.94 3.17 -0.96
CA ASP A 192 -12.27 3.96 0.05
C ASP A 192 -11.38 3.02 0.86
N ALA A 193 -10.21 3.51 1.26
CA ALA A 193 -9.31 2.69 2.07
C ALA A 193 -8.59 3.59 3.09
N THR A 194 -8.42 3.07 4.31
CA THR A 194 -7.69 3.77 5.36
C THR A 194 -6.77 2.74 6.03
N PHE A 195 -5.54 3.14 6.31
CA PHE A 195 -4.71 2.33 7.19
C PHE A 195 -3.85 3.23 8.05
N THR A 196 -3.49 2.74 9.23
CA THR A 196 -2.55 3.42 10.10
C THR A 196 -1.29 2.58 10.24
N PHE A 197 -0.16 3.27 10.39
CA PHE A 197 1.12 2.61 10.22
C PHE A 197 2.15 3.24 11.14
N LEU A 198 3.08 2.40 11.61
CA LEU A 198 4.19 2.87 12.45
C LEU A 198 5.50 2.44 11.79
N ILE A 199 6.30 3.41 11.34
CA ILE A 199 7.60 3.15 10.72
C ILE A 199 8.69 3.62 11.68
N LYS A 200 9.45 2.66 12.22
CA LYS A 200 10.62 2.91 13.06
C LYS A 200 11.88 2.48 12.32
N SER A 201 12.99 3.22 12.55
CA SER A 201 14.24 2.88 11.88
C SER A 201 15.45 3.43 12.63
N PRO A 202 16.51 2.65 12.80
CA PRO A 202 17.80 3.20 13.23
C PRO A 202 18.67 3.69 12.09
N ASP A 203 18.19 3.58 10.84
CA ASP A 203 18.94 4.03 9.68
C ASP A 203 18.73 5.52 9.45
N ARG A 204 19.82 6.23 9.13
CA ARG A 204 19.75 7.66 8.81
C ARG A 204 18.79 7.92 7.66
N ASP A 205 18.75 6.99 6.69
CA ASP A 205 17.87 7.07 5.53
C ASP A 205 17.03 5.80 5.53
N PRO A 206 15.87 5.83 6.19
CA PRO A 206 15.01 4.65 6.24
C PRO A 206 14.51 4.25 4.85
N ALA A 207 14.11 2.98 4.73
CA ALA A 207 13.62 2.44 3.46
C ALA A 207 12.86 1.15 3.75
N ASP A 208 11.96 0.77 2.84
CA ASP A 208 11.72 1.40 1.54
C ASP A 208 10.32 2.05 1.39
N GLY A 209 9.34 1.55 2.12
CA GLY A 209 8.03 2.17 2.10
C GLY A 209 6.89 1.16 2.19
N ILE A 210 5.65 1.68 2.17
CA ILE A 210 4.43 0.91 2.31
C ILE A 210 3.50 1.32 1.16
N THR A 211 2.74 0.37 0.62
CA THR A 211 1.71 0.68 -0.36
C THR A 211 0.37 0.07 0.03
N PHE A 212 -0.70 0.70 -0.44
CA PHE A 212 -2.00 0.05 -0.56
C PHE A 212 -2.20 -0.17 -2.05
N PHE A 213 -2.67 -1.36 -2.43
CA PHE A 213 -2.63 -1.71 -3.83
C PHE A 213 -3.80 -2.62 -4.19
N ILE A 214 -4.21 -2.52 -5.45
CA ILE A 214 -5.30 -3.29 -6.04
C ILE A 214 -4.71 -4.02 -7.23
N ALA A 215 -5.02 -5.31 -7.38
CA ALA A 215 -4.41 -6.09 -8.46
C ALA A 215 -5.32 -7.21 -8.89
N ASN A 216 -4.94 -7.90 -9.98
CA ASN A 216 -5.56 -9.17 -10.35
C ASN A 216 -5.65 -10.09 -9.14
N THR A 217 -6.73 -10.88 -9.06
CA THR A 217 -7.01 -11.65 -7.84
C THR A 217 -5.89 -12.63 -7.52
N ASP A 218 -5.23 -13.16 -8.53
CA ASP A 218 -4.14 -14.11 -8.34
C ASP A 218 -2.78 -13.42 -8.25
N THR A 219 -2.73 -12.22 -7.69
CA THR A 219 -1.47 -11.48 -7.61
C THR A 219 -0.53 -12.11 -6.58
N SER A 220 0.76 -12.08 -6.90
CA SER A 220 1.77 -12.57 -5.97
C SER A 220 3.01 -11.69 -6.11
N ILE A 221 3.92 -11.83 -5.15
CA ILE A 221 5.14 -11.04 -5.13
C ILE A 221 5.99 -11.40 -6.35
N PRO A 222 6.21 -10.46 -7.26
CA PRO A 222 7.03 -10.76 -8.43
C PRO A 222 8.48 -11.02 -8.04
N SER A 223 9.13 -11.86 -8.84
CA SER A 223 10.56 -12.05 -8.68
C SER A 223 11.28 -10.73 -8.89
N GLY A 224 12.27 -10.46 -8.04
CA GLY A 224 13.04 -9.24 -8.14
C GLY A 224 12.32 -7.96 -7.76
N SER A 225 11.26 -8.05 -6.95
CA SER A 225 10.47 -6.88 -6.61
C SER A 225 10.89 -6.24 -5.29
N GLY A 226 12.01 -6.67 -4.69
CA GLY A 226 12.38 -6.17 -3.39
C GLY A 226 12.80 -4.71 -3.40
N GLY A 227 13.00 -4.18 -2.21
CA GLY A 227 13.59 -2.86 -2.09
C GLY A 227 12.73 -1.78 -2.74
N ARG A 228 13.33 -1.04 -3.66
CA ARG A 228 12.65 0.11 -4.28
C ARG A 228 11.43 -0.28 -5.09
N LEU A 229 11.25 -1.56 -5.41
CA LEU A 229 10.09 -1.96 -6.21
C LEU A 229 8.88 -2.29 -5.33
N LEU A 230 9.02 -2.20 -4.01
CA LEU A 230 7.91 -2.18 -3.07
C LEU A 230 7.09 -3.46 -3.07
N GLY A 231 7.69 -4.55 -3.60
CA GLY A 231 7.00 -5.81 -3.72
C GLY A 231 5.88 -5.86 -4.73
N LEU A 232 5.82 -4.89 -5.65
CA LEU A 232 4.70 -4.79 -6.58
C LEU A 232 5.05 -5.10 -8.02
N PHE A 233 6.26 -4.75 -8.47
CA PHE A 233 6.61 -4.81 -9.89
C PHE A 233 7.88 -5.61 -10.07
N PRO A 234 8.00 -6.32 -11.21
CA PRO A 234 9.22 -7.10 -11.44
C PRO A 234 10.36 -6.26 -11.99
N ASP A 235 10.10 -5.02 -12.39
CA ASP A 235 11.13 -4.13 -12.90
C ASP A 235 10.67 -2.69 -12.70
N ALA A 236 11.52 -1.75 -13.13
CA ALA A 236 11.23 -0.33 -13.02
C ALA A 236 10.74 0.30 -14.33
N ASN A 237 10.17 -0.49 -15.23
CA ASN A 237 9.57 0.07 -16.45
C ASN A 237 8.42 0.99 -16.08
MN MN B . 8.56 6.43 -5.43
CA CA C . 11.75 4.72 -3.49
O2 XMM D . 17.89 -2.50 -2.22
C2 XMM D . 18.35 -1.37 -3.03
C3 XMM D . 17.15 -0.57 -3.35
O3 XMM D . 16.13 -1.44 -4.02
C4 XMM D . 16.57 0.12 -2.20
O4 XMM D . 15.72 1.20 -2.72
C5 XMM D . 17.59 0.79 -1.34
O5 XMM D . 18.73 -0.09 -1.01
C6 XMM D . 16.93 1.26 -0.02
O6 XMM D . 16.65 0.17 0.79
C1 XMM D . 19.44 -0.55 -2.26
O1 XMM D . 19.87 0.55 -2.91
C7 XMM D . 20.75 1.43 -2.16
C8 XMM D . 22.08 1.22 -2.37
C9 XMM D . 22.83 2.13 -1.65
N1 XMM D . 21.93 2.94 -0.98
C11 XMM D . 20.64 2.53 -1.30
C10 XMM D . 22.70 0.24 -3.18
CL XMM D . 22.31 -1.17 -4.28
C13 XMM D . 24.09 0.16 -3.24
BR XMM D . 25.35 -1.01 -4.23
C14 XMM D . 24.84 1.08 -2.50
C12 XMM D . 24.22 2.07 -1.71
#